data_5TMM
#
_entry.id   5TMM
#
_cell.length_a   55.090
_cell.length_b   82.520
_cell.length_c   58.740
_cell.angle_alpha   90.00
_cell.angle_beta   111.14
_cell.angle_gamma   90.00
#
_symmetry.space_group_name_H-M   'P 1 21 1'
#
loop_
_entity.id
_entity.type
_entity.pdbx_description
1 polymer 'Estrogen receptor'
2 polymer 'Nuclear receptor coactivator 2'
3 non-polymer '6-{4-[(1S,4S,6S)-6-[(4-bromophenoxy)sulfonyl]-3-(4-hydroxyphenyl)-7-oxabicyclo[2.2.1]hept-2-en-2-yl]phenyl}hex-5-enoic acid'
4 water water
#
loop_
_entity_poly.entity_id
_entity_poly.type
_entity_poly.pdbx_seq_one_letter_code
_entity_poly.pdbx_strand_id
1 'polypeptide(L)'
;IKRSKKNSLALSLTADQMVSALLDAEPPILYSEYDPTRPFSEASMMGLLTNLADRELVHMINWAKRVPGFVDLTLHDQVH
LLECAWLEILMIGLVWRSMEHPGKLLFAPNLLLDRNQGKCVEGMVEIFDMLLATSSRFRMMNLQGEEFVCLKSIILLNSG
VYTFLSSTLKSLEEKDHIHRVLDKITDTLIHLMAKAGLTLQQQHQRLAQLLLILSHIRHMSNKGMEHLYSMKCKNVVPLS
DLLLEMLDAHRLHAPTS
;
A,B
2 'polypeptide(L)' KHKILHRLLQDSS C,D
#
loop_
_chem_comp.id
_chem_comp.type
_chem_comp.name
_chem_comp.formula
7M4 non-polymer '6-{4-[(1S,4S,6S)-6-[(4-bromophenoxy)sulfonyl]-3-(4-hydroxyphenyl)-7-oxabicyclo[2.2.1]hept-2-en-2-yl]phenyl}hex-5-enoic acid' 'C30 H27 Br O7 S'
#
# COMPACT_ATOMS: atom_id res chain seq x y z
N LEU A 9 27.41 3.46 6.81
CA LEU A 9 27.10 3.07 8.19
C LEU A 9 26.03 1.98 8.23
N ALA A 10 24.85 2.31 7.69
CA ALA A 10 23.73 1.36 7.72
C ALA A 10 24.05 0.09 6.95
N LEU A 11 24.76 0.22 5.83
CA LEU A 11 25.13 -0.95 5.05
C LEU A 11 26.19 -1.80 5.74
N SER A 12 26.88 -1.26 6.73
CA SER A 12 27.90 -1.98 7.49
C SER A 12 27.40 -2.44 8.85
N LEU A 13 26.12 -2.83 8.92
CA LEU A 13 25.51 -3.31 10.15
C LEU A 13 25.04 -4.75 9.95
N THR A 14 25.23 -5.57 10.98
CA THR A 14 24.69 -6.91 10.96
C THR A 14 23.17 -6.86 11.15
N ALA A 15 22.53 -8.02 10.99
CA ALA A 15 21.10 -8.09 11.25
C ALA A 15 20.80 -7.90 12.74
N ASP A 16 21.64 -8.45 13.61
CA ASP A 16 21.45 -8.25 15.04
C ASP A 16 21.70 -6.81 15.45
N GLN A 17 22.74 -6.19 14.89
CA GLN A 17 22.99 -4.78 15.18
C GLN A 17 21.91 -3.89 14.58
N MET A 18 21.30 -4.32 13.48
CA MET A 18 20.16 -3.59 12.93
C MET A 18 18.97 -3.64 13.88
N VAL A 19 18.72 -4.80 14.48
CA VAL A 19 17.60 -4.94 15.40
C VAL A 19 17.81 -4.10 16.65
N SER A 20 19.00 -4.20 17.25
CA SER A 20 19.27 -3.47 18.49
C SER A 20 19.23 -1.96 18.26
N ALA A 21 19.70 -1.51 17.10
CA ALA A 21 19.66 -0.08 16.80
C ALA A 21 18.22 0.42 16.67
N LEU A 22 17.35 -0.36 16.02
CA LEU A 22 15.95 0.03 15.89
C LEU A 22 15.23 -0.07 17.23
N LEU A 23 15.47 -1.14 17.99
CA LEU A 23 14.83 -1.28 19.28
C LEU A 23 15.27 -0.20 20.26
N ASP A 24 16.53 0.23 20.18
CA ASP A 24 17.03 1.26 21.08
C ASP A 24 16.44 2.63 20.75
N ALA A 25 16.04 2.83 19.49
CA ALA A 25 15.54 4.12 19.03
C ALA A 25 14.04 4.28 19.22
N GLU A 26 13.38 3.31 19.85
CA GLU A 26 11.93 3.32 19.95
C GLU A 26 11.45 4.55 20.73
N PRO A 27 10.40 5.22 20.27
CA PRO A 27 9.84 6.34 21.03
C PRO A 27 9.02 5.83 22.20
N PRO A 28 8.82 6.63 23.23
CA PRO A 28 8.05 6.18 24.39
C PRO A 28 6.56 6.14 24.10
N ILE A 29 5.83 5.54 25.03
CA ILE A 29 4.38 5.48 24.97
C ILE A 29 3.85 6.69 25.74
N LEU A 30 3.31 7.66 25.01
CA LEU A 30 2.83 8.89 25.64
C LEU A 30 1.44 8.70 26.20
N TYR A 31 1.12 9.51 27.21
CA TYR A 31 -0.20 9.56 27.82
C TYR A 31 -1.02 10.69 27.24
N SER A 32 -2.33 10.56 27.34
CA SER A 32 -3.26 11.60 26.93
C SER A 32 -3.80 12.32 28.17
N GLU A 33 -4.47 13.44 27.93
CA GLU A 33 -5.14 14.18 29.01
C GLU A 33 -6.61 13.82 29.09
N TYR A 34 -6.89 12.52 29.15
CA TYR A 34 -8.25 12.01 29.18
C TYR A 34 -8.81 12.02 30.59
N ASP A 35 -10.12 12.22 30.68
CA ASP A 35 -10.82 12.31 31.97
C ASP A 35 -10.24 13.40 32.86
N PHE A 40 -17.64 13.81 27.26
CA PHE A 40 -16.87 13.44 26.08
C PHE A 40 -17.66 13.70 24.79
N SER A 41 -17.23 14.71 24.04
CA SER A 41 -17.83 15.04 22.75
C SER A 41 -17.20 14.20 21.63
N GLU A 42 -17.68 14.41 20.41
CA GLU A 42 -16.93 13.95 19.24
C GLU A 42 -15.73 14.84 19.00
N ALA A 43 -15.83 16.12 19.34
CA ALA A 43 -14.73 17.08 19.19
C ALA A 43 -13.84 17.15 20.42
N SER A 44 -14.28 16.61 21.55
CA SER A 44 -13.40 16.50 22.72
C SER A 44 -12.45 15.32 22.57
N MET A 45 -12.93 14.20 22.05
CA MET A 45 -12.03 13.08 21.77
C MET A 45 -11.07 13.42 20.64
N MET A 46 -11.55 14.11 19.61
CA MET A 46 -10.66 14.55 18.55
C MET A 46 -9.59 15.49 19.08
N GLY A 47 -9.91 16.30 20.08
CA GLY A 47 -8.90 17.10 20.73
C GLY A 47 -7.85 16.25 21.45
N LEU A 48 -8.31 15.18 22.10
CA LEU A 48 -7.36 14.27 22.76
C LEU A 48 -6.50 13.55 21.74
N LEU A 49 -7.09 13.09 20.64
CA LEU A 49 -6.33 12.37 19.64
C LEU A 49 -5.38 13.29 18.88
N THR A 50 -5.82 14.53 18.62
CA THR A 50 -4.95 15.49 17.95
C THR A 50 -3.82 15.94 18.86
N ASN A 51 -4.12 16.18 20.14
CA ASN A 51 -3.07 16.56 21.09
C ASN A 51 -2.06 15.44 21.28
N LEU A 52 -2.54 14.18 21.28
CA LEU A 52 -1.63 13.06 21.44
C LEU A 52 -0.75 12.88 20.21
N ALA A 53 -1.36 12.92 19.01
CA ALA A 53 -0.58 12.75 17.79
C ALA A 53 0.41 13.90 17.61
N ASP A 54 0.05 15.11 18.04
CA ASP A 54 0.97 16.23 17.93
C ASP A 54 2.21 16.02 18.79
N ARG A 55 2.02 15.54 20.02
CA ARG A 55 3.17 15.26 20.88
C ARG A 55 3.95 14.04 20.40
N GLU A 56 3.28 13.10 19.75
CA GLU A 56 3.98 11.94 19.20
C GLU A 56 4.84 12.31 18.01
N LEU A 57 4.43 13.32 17.23
CA LEU A 57 5.22 13.74 16.09
C LEU A 57 6.60 14.25 16.50
N VAL A 58 6.69 14.86 17.69
CA VAL A 58 7.98 15.36 18.15
C VAL A 58 8.94 14.19 18.42
N HIS A 59 8.44 13.11 19.00
CA HIS A 59 9.28 11.95 19.25
C HIS A 59 9.57 11.19 17.96
N MET A 60 8.63 11.18 17.01
CA MET A 60 8.85 10.48 15.75
C MET A 60 9.97 11.12 14.95
N ILE A 61 10.04 12.46 14.95
CA ILE A 61 11.09 13.15 14.22
C ILE A 61 12.45 12.77 14.77
N ASN A 62 12.58 12.72 16.10
CA ASN A 62 13.83 12.29 16.72
C ASN A 62 14.03 10.78 16.63
N TRP A 63 12.96 10.02 16.43
CA TRP A 63 13.12 8.59 16.15
C TRP A 63 13.63 8.37 14.73
N ALA A 64 13.13 9.15 13.77
CA ALA A 64 13.57 9.01 12.39
C ALA A 64 15.07 9.29 12.24
N LYS A 65 15.59 10.24 13.03
CA LYS A 65 17.02 10.53 12.98
C LYS A 65 17.86 9.31 13.32
N ARG A 66 17.37 8.46 14.23
CA ARG A 66 18.12 7.30 14.68
C ARG A 66 17.88 6.07 13.82
N VAL A 67 17.03 6.15 12.81
CA VAL A 67 16.85 5.04 11.87
C VAL A 67 18.09 4.96 10.97
N PRO A 68 18.73 3.79 10.85
CA PRO A 68 19.97 3.70 10.07
C PRO A 68 19.75 4.10 8.62
N GLY A 69 20.61 5.00 8.13
CA GLY A 69 20.54 5.49 6.77
C GLY A 69 19.72 6.74 6.59
N PHE A 70 18.96 7.17 7.59
CA PHE A 70 18.07 8.31 7.42
C PHE A 70 18.84 9.64 7.47
N VAL A 71 19.82 9.75 8.36
CA VAL A 71 20.61 10.97 8.44
C VAL A 71 21.41 11.20 7.16
N ASP A 72 21.83 10.11 6.50
CA ASP A 72 22.59 10.24 5.26
C ASP A 72 21.78 10.93 4.16
N LEU A 73 20.47 10.97 4.27
CA LEU A 73 19.64 11.64 3.29
C LEU A 73 19.68 13.16 3.50
N THR A 74 19.41 13.89 2.43
CA THR A 74 19.37 15.34 2.50
C THR A 74 18.20 15.80 3.37
N LEU A 75 18.27 17.04 3.83
CA LEU A 75 17.21 17.59 4.67
C LEU A 75 15.89 17.63 3.91
N HIS A 76 15.94 17.91 2.61
CA HIS A 76 14.71 17.96 1.81
C HIS A 76 14.09 16.57 1.69
N ASP A 77 14.93 15.54 1.55
CA ASP A 77 14.40 14.18 1.45
C ASP A 77 13.87 13.69 2.79
N GLN A 78 14.52 14.07 3.89
CA GLN A 78 14.02 13.69 5.20
C GLN A 78 12.66 14.34 5.48
N VAL A 79 12.52 15.62 5.12
CA VAL A 79 11.23 16.29 5.26
C VAL A 79 10.17 15.60 4.41
N HIS A 80 10.55 15.16 3.21
CA HIS A 80 9.59 14.56 2.31
C HIS A 80 9.12 13.20 2.83
N LEU A 81 10.04 12.37 3.32
CA LEU A 81 9.66 11.04 3.79
C LEU A 81 8.76 11.12 5.00
N LEU A 82 9.02 12.05 5.92
CA LEU A 82 8.19 12.18 7.12
C LEU A 82 6.83 12.77 6.78
N GLU A 83 6.77 13.69 5.81
CA GLU A 83 5.49 14.28 5.43
C GLU A 83 4.57 13.25 4.82
N CYS A 84 5.10 12.26 4.11
CA CYS A 84 4.26 11.26 3.45
C CYS A 84 3.89 10.10 4.36
N ALA A 85 4.71 9.80 5.36
CA ALA A 85 4.53 8.59 6.16
C ALA A 85 4.16 8.84 7.61
N TRP A 86 3.99 10.09 8.02
CA TRP A 86 3.80 10.36 9.45
C TRP A 86 2.53 9.71 9.99
N LEU A 87 1.44 9.72 9.20
CA LEU A 87 0.21 9.10 9.67
C LEU A 87 0.32 7.58 9.61
N GLU A 88 1.00 7.05 8.59
CA GLU A 88 1.26 5.62 8.52
C GLU A 88 2.02 5.14 9.74
N ILE A 89 3.05 5.88 10.15
CA ILE A 89 3.87 5.48 11.29
C ILE A 89 3.07 5.56 12.59
N LEU A 90 2.24 6.59 12.73
CA LEU A 90 1.38 6.67 13.92
C LEU A 90 0.39 5.51 13.94
N MET A 91 -0.13 5.12 12.78
CA MET A 91 -1.13 4.06 12.74
C MET A 91 -0.54 2.70 13.06
N ILE A 92 0.65 2.40 12.52
CA ILE A 92 1.25 1.09 12.81
C ILE A 92 1.71 1.03 14.27
N GLY A 93 2.04 2.18 14.86
CA GLY A 93 2.34 2.20 16.29
C GLY A 93 1.11 1.96 17.13
N LEU A 94 -0.01 2.61 16.77
CA LEU A 94 -1.27 2.36 17.45
C LEU A 94 -1.70 0.91 17.32
N VAL A 95 -1.56 0.34 16.12
CA VAL A 95 -1.94 -1.04 15.89
C VAL A 95 -1.06 -1.99 16.69
N TRP A 96 0.22 -1.66 16.83
CA TRP A 96 1.13 -2.50 17.60
C TRP A 96 0.79 -2.48 19.09
N ARG A 97 0.45 -1.30 19.62
CA ARG A 97 0.10 -1.21 21.03
C ARG A 97 -1.21 -1.92 21.34
N SER A 98 -2.09 -2.04 20.34
CA SER A 98 -3.42 -2.60 20.53
C SER A 98 -3.47 -4.11 20.30
N MET A 99 -2.32 -4.76 20.11
CA MET A 99 -2.31 -6.19 19.81
C MET A 99 -2.91 -6.99 20.95
N GLU A 100 -2.51 -6.70 22.18
CA GLU A 100 -2.95 -7.46 23.35
C GLU A 100 -4.33 -7.03 23.86
N HIS A 101 -5.04 -6.18 23.14
CA HIS A 101 -6.37 -5.71 23.52
C HIS A 101 -7.33 -5.92 22.36
N PRO A 102 -7.89 -7.13 22.24
CA PRO A 102 -8.78 -7.40 21.11
C PRO A 102 -10.01 -6.51 21.13
N GLY A 103 -10.41 -6.06 19.94
CA GLY A 103 -11.57 -5.19 19.81
C GLY A 103 -11.39 -3.80 20.38
N LYS A 104 -10.16 -3.41 20.72
CA LYS A 104 -9.91 -2.12 21.32
C LYS A 104 -8.64 -1.52 20.74
N LEU A 105 -8.61 -0.19 20.64
CA LEU A 105 -7.46 0.55 20.18
C LEU A 105 -6.83 1.29 21.36
N LEU A 106 -5.57 1.00 21.63
CA LEU A 106 -4.86 1.61 22.76
C LEU A 106 -4.11 2.83 22.23
N PHE A 107 -4.80 3.97 22.20
CA PHE A 107 -4.12 5.23 21.85
C PHE A 107 -3.11 5.61 22.92
N ALA A 108 -3.46 5.40 24.19
CA ALA A 108 -2.60 5.66 25.33
C ALA A 108 -2.92 4.65 26.40
N PRO A 109 -2.00 4.40 27.34
CA PRO A 109 -2.32 3.50 28.45
C PRO A 109 -3.57 3.89 29.21
N ASN A 110 -3.97 5.16 29.18
CA ASN A 110 -5.21 5.61 29.83
C ASN A 110 -6.32 5.93 28.84
N LEU A 111 -6.13 5.59 27.57
CA LEU A 111 -7.12 5.85 26.53
C LEU A 111 -7.26 4.57 25.70
N LEU A 112 -8.29 3.77 26.01
CA LEU A 112 -8.53 2.50 25.34
C LEU A 112 -9.97 2.52 24.84
N LEU A 113 -10.15 2.60 23.53
CA LEU A 113 -11.46 2.77 22.92
C LEU A 113 -11.80 1.59 22.02
N ASP A 114 -13.10 1.30 21.90
CA ASP A 114 -13.60 0.29 21.00
C ASP A 114 -14.46 0.94 19.91
N ARG A 115 -15.37 0.17 19.33
CA ARG A 115 -16.11 0.65 18.16
C ARG A 115 -17.00 1.83 18.51
N ASN A 116 -17.71 1.76 19.64
CA ASN A 116 -18.72 2.76 19.94
C ASN A 116 -18.11 4.15 20.15
N GLN A 117 -16.96 4.21 20.82
CA GLN A 117 -16.32 5.50 21.10
C GLN A 117 -15.76 6.17 19.85
N GLY A 118 -15.71 5.47 18.71
CA GLY A 118 -15.31 6.09 17.46
C GLY A 118 -16.34 7.07 16.93
N VAL A 121 -17.07 9.73 15.88
CA VAL A 121 -16.83 10.92 15.07
C VAL A 121 -17.36 10.60 13.66
N GLU A 122 -17.93 11.61 13.02
CA GLU A 122 -18.52 11.46 11.69
C GLU A 122 -17.57 10.75 10.74
N GLY A 123 -17.83 9.48 10.45
CA GLY A 123 -17.08 8.73 9.47
C GLY A 123 -15.81 8.07 9.96
N MET A 124 -15.40 8.31 11.21
CA MET A 124 -14.18 7.69 11.72
C MET A 124 -14.38 6.21 12.06
N VAL A 125 -15.62 5.71 11.98
CA VAL A 125 -15.88 4.31 12.32
C VAL A 125 -15.22 3.38 11.31
N GLU A 126 -15.24 3.75 10.03
CA GLU A 126 -14.65 2.89 9.00
C GLU A 126 -13.15 2.75 9.21
N ILE A 127 -12.48 3.83 9.60
CA ILE A 127 -11.05 3.77 9.87
C ILE A 127 -10.77 2.99 11.14
N PHE A 128 -11.66 3.07 12.13
CA PHE A 128 -11.48 2.34 13.37
C PHE A 128 -11.51 0.83 13.14
N ASP A 129 -12.47 0.37 12.34
CA ASP A 129 -12.58 -1.06 12.06
C ASP A 129 -11.36 -1.57 11.29
N MET A 130 -10.82 -0.74 10.40
CA MET A 130 -9.64 -1.16 9.64
C MET A 130 -8.42 -1.25 10.55
N LEU A 131 -8.30 -0.33 11.51
CA LEU A 131 -7.22 -0.41 12.48
C LEU A 131 -7.36 -1.63 13.38
N LEU A 132 -8.58 -1.96 13.78
CA LEU A 132 -8.80 -3.15 14.59
C LEU A 132 -8.51 -4.42 13.80
N ALA A 133 -8.95 -4.49 12.54
CA ALA A 133 -8.67 -5.64 11.71
C ALA A 133 -7.16 -5.80 11.47
N THR A 134 -6.44 -4.68 11.37
CA THR A 134 -4.99 -4.75 11.25
C THR A 134 -4.36 -5.26 12.54
N SER A 135 -4.92 -4.85 13.69
CA SER A 135 -4.38 -5.29 14.97
C SER A 135 -4.60 -6.78 15.20
N SER A 136 -5.81 -7.27 14.89
CA SER A 136 -6.06 -8.70 15.02
C SER A 136 -5.22 -9.50 14.03
N ARG A 137 -4.91 -8.92 12.87
CA ARG A 137 -4.04 -9.60 11.91
C ARG A 137 -2.63 -9.76 12.48
N PHE A 138 -2.11 -8.71 13.12
CA PHE A 138 -0.82 -8.83 13.79
C PHE A 138 -0.89 -9.85 14.92
N ARG A 139 -2.02 -9.92 15.62
CA ARG A 139 -2.15 -10.84 16.74
C ARG A 139 -2.20 -12.30 16.26
N MET A 140 -2.87 -12.54 15.13
CA MET A 140 -2.88 -13.89 14.58
C MET A 140 -1.49 -14.31 14.12
N MET A 141 -0.73 -13.38 13.55
CA MET A 141 0.64 -13.68 13.13
C MET A 141 1.61 -13.78 14.29
N ASN A 142 1.22 -13.34 15.49
CA ASN A 142 2.12 -13.23 16.64
C ASN A 142 3.34 -12.39 16.26
N LEU A 143 3.06 -11.15 15.83
CA LEU A 143 4.12 -10.24 15.40
C LEU A 143 5.05 -9.92 16.56
N GLN A 144 6.34 -10.00 16.30
CA GLN A 144 7.35 -9.73 17.32
C GLN A 144 7.79 -8.27 17.24
N GLY A 145 8.21 -7.74 18.39
CA GLY A 145 8.71 -6.38 18.42
C GLY A 145 9.92 -6.17 17.53
N GLU A 146 10.74 -7.19 17.35
CA GLU A 146 11.87 -7.09 16.42
C GLU A 146 11.38 -6.91 15.00
N GLU A 147 10.28 -7.59 14.64
CA GLU A 147 9.69 -7.42 13.31
C GLU A 147 8.95 -6.10 13.19
N PHE A 148 8.35 -5.62 14.27
CA PHE A 148 7.58 -4.38 14.21
C PHE A 148 8.47 -3.19 13.90
N VAL A 149 9.62 -3.08 14.58
CA VAL A 149 10.49 -1.95 14.36
C VAL A 149 11.07 -1.96 12.95
N CYS A 150 11.19 -3.15 12.34
CA CYS A 150 11.62 -3.21 10.95
C CYS A 150 10.55 -2.68 10.01
N LEU A 151 9.29 -3.09 10.23
CA LEU A 151 8.21 -2.63 9.36
C LEU A 151 8.02 -1.12 9.47
N LYS A 152 8.10 -0.58 10.68
CA LYS A 152 7.91 0.85 10.86
C LYS A 152 9.00 1.65 10.16
N SER A 153 10.24 1.16 10.19
CA SER A 153 11.32 1.85 9.50
C SER A 153 11.22 1.65 7.99
N ILE A 154 10.65 0.53 7.54
CA ILE A 154 10.38 0.34 6.12
C ILE A 154 9.36 1.36 5.63
N ILE A 155 8.33 1.63 6.43
CA ILE A 155 7.32 2.60 6.05
C ILE A 155 7.95 3.99 5.86
N LEU A 156 8.87 4.35 6.77
CA LEU A 156 9.49 5.68 6.70
C LEU A 156 10.28 5.86 5.41
N LEU A 157 11.00 4.82 4.99
CA LEU A 157 11.88 4.93 3.82
C LEU A 157 11.16 4.66 2.51
N ASN A 158 10.08 3.90 2.53
CA ASN A 158 9.44 3.45 1.29
C ASN A 158 8.25 4.31 0.87
N SER A 159 7.55 4.94 1.82
CA SER A 159 6.31 5.61 1.49
C SER A 159 6.52 6.81 0.56
N GLY A 160 7.69 7.45 0.61
CA GLY A 160 7.92 8.60 -0.23
C GLY A 160 9.10 8.45 -1.18
N VAL A 161 9.52 7.20 -1.43
CA VAL A 161 10.69 6.97 -2.26
C VAL A 161 10.39 7.21 -3.74
N TYR A 162 9.13 7.13 -4.15
CA TYR A 162 8.74 7.37 -5.53
C TYR A 162 8.03 8.69 -5.74
N THR A 163 7.88 9.49 -4.68
CA THR A 163 7.24 10.80 -4.78
C THR A 163 8.25 11.94 -4.81
N PHE A 164 9.56 11.63 -4.88
CA PHE A 164 10.60 12.64 -4.93
C PHE A 164 10.42 13.58 -6.11
N LYS A 175 17.95 7.91 -4.66
CA LYS A 175 16.99 6.83 -4.42
C LYS A 175 17.71 5.49 -4.27
N ASP A 176 18.88 5.37 -4.90
CA ASP A 176 19.64 4.13 -4.81
C ASP A 176 20.10 3.85 -3.39
N HIS A 177 20.41 4.89 -2.62
CA HIS A 177 20.83 4.68 -1.24
C HIS A 177 19.67 4.21 -0.37
N ILE A 178 18.46 4.74 -0.62
CA ILE A 178 17.31 4.36 0.19
C ILE A 178 16.94 2.91 -0.05
N HIS A 179 16.98 2.47 -1.31
CA HIS A 179 16.65 1.08 -1.62
C HIS A 179 17.70 0.12 -1.07
N ARG A 180 18.94 0.57 -0.95
CA ARG A 180 19.98 -0.28 -0.35
C ARG A 180 19.70 -0.51 1.12
N VAL A 181 19.24 0.51 1.84
CA VAL A 181 18.88 0.35 3.24
C VAL A 181 17.66 -0.55 3.38
N LEU A 182 16.72 -0.45 2.42
CA LEU A 182 15.54 -1.29 2.45
C LEU A 182 15.90 -2.76 2.27
N ASP A 183 16.89 -3.05 1.41
CA ASP A 183 17.31 -4.44 1.23
C ASP A 183 17.94 -4.99 2.51
N LYS A 184 18.67 -4.14 3.24
CA LYS A 184 19.27 -4.59 4.50
C LYS A 184 18.20 -4.91 5.54
N ILE A 185 17.13 -4.13 5.57
CA ILE A 185 16.03 -4.42 6.51
C ILE A 185 15.34 -5.71 6.13
N THR A 186 15.20 -5.98 4.83
CA THR A 186 14.65 -7.26 4.39
C THR A 186 15.54 -8.41 4.82
N ASP A 187 16.86 -8.25 4.68
CA ASP A 187 17.80 -9.25 5.20
C ASP A 187 17.62 -9.42 6.70
N THR A 188 17.33 -8.33 7.42
CA THR A 188 17.14 -8.41 8.86
C THR A 188 15.86 -9.16 9.20
N LEU A 189 14.79 -8.91 8.46
CA LEU A 189 13.53 -9.63 8.70
C LEU A 189 13.70 -11.12 8.46
N ILE A 190 14.34 -11.49 7.34
CA ILE A 190 14.57 -12.90 7.04
C ILE A 190 15.47 -13.52 8.10
N HIS A 191 16.46 -12.77 8.58
CA HIS A 191 17.34 -13.26 9.63
C HIS A 191 16.56 -13.55 10.91
N LEU A 192 15.55 -12.73 11.22
CA LEU A 192 14.75 -12.96 12.41
C LEU A 192 13.89 -14.20 12.27
N MET A 193 13.27 -14.38 11.09
CA MET A 193 12.40 -15.54 10.88
C MET A 193 13.19 -16.84 10.87
N ALA A 194 14.46 -16.79 10.46
CA ALA A 194 15.30 -17.98 10.52
C ALA A 194 15.63 -18.35 11.96
N LYS A 195 15.75 -17.36 12.84
CA LYS A 195 16.01 -17.65 14.25
C LYS A 195 14.79 -18.26 14.93
N ALA A 196 13.59 -17.95 14.44
CA ALA A 196 12.36 -18.46 15.03
C ALA A 196 12.03 -19.88 14.58
N GLY A 197 12.95 -20.56 13.90
CA GLY A 197 12.74 -21.92 13.48
C GLY A 197 11.90 -22.11 12.24
N LEU A 198 11.61 -21.02 11.52
CA LEU A 198 10.80 -21.13 10.31
C LEU A 198 11.63 -21.66 9.15
N THR A 199 11.00 -22.49 8.33
CA THR A 199 11.65 -23.00 7.13
C THR A 199 11.75 -21.89 6.08
N LEU A 200 12.50 -22.17 5.01
CA LEU A 200 12.70 -21.19 3.96
C LEU A 200 11.37 -20.78 3.32
N GLN A 201 10.47 -21.74 3.11
CA GLN A 201 9.16 -21.42 2.57
C GLN A 201 8.36 -20.56 3.56
N GLN A 202 8.48 -20.86 4.84
CA GLN A 202 7.75 -20.09 5.86
C GLN A 202 8.32 -18.68 5.99
N GLN A 203 9.62 -18.52 5.77
CA GLN A 203 10.24 -17.19 5.85
C GLN A 203 9.72 -16.28 4.74
N HIS A 204 9.68 -16.81 3.51
CA HIS A 204 9.24 -16.00 2.38
C HIS A 204 7.75 -15.68 2.47
N GLN A 205 6.95 -16.64 2.96
CA GLN A 205 5.51 -16.39 3.09
C GLN A 205 5.25 -15.33 4.15
N ARG A 206 5.88 -15.45 5.33
CA ARG A 206 5.66 -14.48 6.39
C ARG A 206 6.16 -13.10 5.98
N LEU A 207 7.30 -13.04 5.28
CA LEU A 207 7.80 -11.77 4.78
C LEU A 207 6.80 -11.11 3.84
N ALA A 208 6.24 -11.90 2.91
CA ALA A 208 5.22 -11.37 2.02
C ALA A 208 3.98 -10.94 2.79
N GLN A 209 3.58 -11.73 3.79
CA GLN A 209 2.39 -11.39 4.58
C GLN A 209 2.56 -10.06 5.31
N LEU A 210 3.76 -9.80 5.83
CA LEU A 210 3.99 -8.56 6.56
C LEU A 210 3.98 -7.35 5.63
N LEU A 211 4.56 -7.49 4.44
CA LEU A 211 4.66 -6.36 3.52
C LEU A 211 3.32 -6.04 2.86
N LEU A 212 2.46 -7.05 2.69
CA LEU A 212 1.13 -6.78 2.15
C LEU A 212 0.28 -5.98 3.13
N ILE A 213 0.54 -6.13 4.43
CA ILE A 213 -0.17 -5.33 5.42
C ILE A 213 0.20 -3.86 5.28
N LEU A 214 1.42 -3.56 4.86
CA LEU A 214 1.82 -2.18 4.64
C LEU A 214 0.99 -1.52 3.55
N SER A 215 0.52 -2.31 2.58
CA SER A 215 -0.41 -1.78 1.59
C SER A 215 -1.72 -1.36 2.23
N HIS A 216 -2.16 -2.08 3.27
N HIS A 216 -2.15 -2.09 3.27
CA HIS A 216 -3.37 -1.71 3.98
CA HIS A 216 -3.37 -1.71 3.98
C HIS A 216 -3.14 -0.51 4.90
C HIS A 216 -3.15 -0.52 4.90
N ILE A 217 -1.94 -0.39 5.46
CA ILE A 217 -1.65 0.76 6.31
C ILE A 217 -1.59 2.03 5.47
N ARG A 218 -1.06 1.93 4.24
CA ARG A 218 -1.12 3.06 3.32
C ARG A 218 -2.56 3.42 3.00
N HIS A 219 -3.41 2.42 2.81
CA HIS A 219 -4.83 2.68 2.54
C HIS A 219 -5.48 3.40 3.71
N MET A 220 -5.22 2.94 4.94
CA MET A 220 -5.79 3.58 6.11
C MET A 220 -5.30 5.02 6.24
N SER A 221 -4.03 5.26 5.93
CA SER A 221 -3.50 6.62 6.04
C SER A 221 -4.12 7.54 5.00
N ASN A 222 -4.31 7.04 3.77
CA ASN A 222 -4.92 7.88 2.74
C ASN A 222 -6.36 8.22 3.09
N LYS A 223 -7.13 7.24 3.56
CA LYS A 223 -8.50 7.52 3.99
C LYS A 223 -8.53 8.41 5.23
N GLY A 224 -7.56 8.22 6.12
CA GLY A 224 -7.49 9.07 7.30
C GLY A 224 -7.09 10.50 6.97
N MET A 225 -6.11 10.67 6.08
CA MET A 225 -5.71 12.00 5.64
C MET A 225 -6.87 12.71 4.94
N GLU A 226 -7.69 11.96 4.20
CA GLU A 226 -8.86 12.55 3.57
C GLU A 226 -9.85 13.04 4.61
N HIS A 227 -10.05 12.25 5.67
CA HIS A 227 -10.97 12.67 6.72
CA HIS A 227 -10.96 12.63 6.74
C HIS A 227 -10.38 13.74 7.61
N LEU A 228 -9.05 13.83 7.69
CA LEU A 228 -8.43 14.90 8.46
C LEU A 228 -8.52 16.25 7.75
N TYR A 229 -8.49 16.26 6.42
CA TYR A 229 -8.62 17.51 5.69
C TYR A 229 -10.06 18.04 5.74
N SER A 230 -11.04 17.14 5.82
CA SER A 230 -12.42 17.58 5.93
C SER A 230 -12.70 18.23 7.29
N MET A 231 -11.98 17.82 8.33
CA MET A 231 -12.15 18.41 9.64
C MET A 231 -11.48 19.78 9.74
N LYS A 232 -10.36 19.96 9.05
CA LYS A 232 -9.76 21.29 8.97
C LYS A 232 -10.68 22.26 8.24
N CYS A 233 -11.47 21.76 7.30
CA CYS A 233 -12.48 22.56 6.61
C CYS A 233 -13.75 22.72 7.43
N LYS A 234 -13.71 22.36 8.71
CA LYS A 234 -14.88 22.49 9.59
C LYS A 234 -14.56 23.36 10.79
N LEU A 239 -5.97 22.01 15.87
CA LEU A 239 -4.69 21.30 15.93
C LEU A 239 -3.58 22.23 16.42
N SER A 240 -2.38 22.01 15.88
CA SER A 240 -1.24 22.86 16.20
C SER A 240 -0.50 23.17 14.89
N ASP A 241 0.54 24.01 15.00
CA ASP A 241 1.20 24.51 13.81
C ASP A 241 1.97 23.41 13.07
N LEU A 242 2.40 22.37 13.77
CA LEU A 242 3.11 21.29 13.10
C LEU A 242 2.15 20.33 12.42
N LEU A 243 1.05 19.97 13.09
CA LEU A 243 0.10 19.04 12.51
C LEU A 243 -0.62 19.62 11.31
N LEU A 244 -0.71 20.95 11.22
CA LEU A 244 -1.29 21.59 10.05
C LEU A 244 -0.33 21.55 8.86
N GLU A 245 0.96 21.77 9.10
CA GLU A 245 1.95 21.68 8.03
C GLU A 245 2.10 20.24 7.54
N MET A 246 1.95 19.26 8.43
CA MET A 246 1.93 17.86 8.00
C MET A 246 0.71 17.56 7.15
N LEU A 247 -0.43 18.17 7.48
CA LEU A 247 -1.65 17.95 6.72
C LEU A 247 -1.59 18.66 5.38
N ASP A 248 -0.99 19.85 5.34
CA ASP A 248 -0.87 20.60 4.10
C ASP A 248 0.07 19.92 3.10
N ALA A 249 0.95 19.04 3.56
CA ALA A 249 1.86 18.34 2.65
C ALA A 249 1.10 17.42 1.71
N HIS A 250 -0.01 16.83 2.16
CA HIS A 250 -0.84 15.98 1.33
C HIS A 250 -1.91 16.77 0.59
N ARG A 251 -1.85 18.10 0.61
CA ARG A 251 -2.82 18.97 -0.06
C ARG A 251 -4.25 18.67 0.39
N SER B 8 -10.85 -26.05 -2.71
CA SER B 8 -10.17 -25.14 -3.63
C SER B 8 -9.05 -25.85 -4.38
N LEU B 9 -9.21 -25.97 -5.69
CA LEU B 9 -8.19 -26.60 -6.53
C LEU B 9 -6.97 -25.73 -6.74
N ALA B 10 -7.00 -24.48 -6.29
CA ALA B 10 -5.85 -23.60 -6.46
C ALA B 10 -4.68 -23.99 -5.57
N LEU B 11 -4.97 -24.48 -4.37
CA LEU B 11 -3.90 -24.85 -3.44
C LEU B 11 -3.14 -26.08 -3.92
N SER B 12 -3.80 -26.96 -4.68
CA SER B 12 -3.15 -28.15 -5.20
C SER B 12 -2.32 -27.88 -6.45
N LEU B 13 -2.44 -26.71 -7.04
CA LEU B 13 -1.67 -26.37 -8.23
C LEU B 13 -0.20 -26.19 -7.89
N THR B 14 0.66 -26.59 -8.82
CA THR B 14 2.09 -26.37 -8.68
C THR B 14 2.44 -24.94 -9.08
N ALA B 15 3.72 -24.61 -8.98
CA ALA B 15 4.15 -23.24 -9.29
C ALA B 15 4.04 -22.95 -10.78
N ASP B 16 4.51 -23.89 -11.62
CA ASP B 16 4.42 -23.69 -13.06
C ASP B 16 2.98 -23.73 -13.55
N GLN B 17 2.14 -24.57 -12.93
CA GLN B 17 0.72 -24.57 -13.27
C GLN B 17 0.05 -23.27 -12.87
N MET B 18 0.49 -22.66 -11.76
CA MET B 18 -0.04 -21.37 -11.36
C MET B 18 0.35 -20.28 -12.37
N VAL B 19 1.59 -20.30 -12.83
CA VAL B 19 2.06 -19.30 -13.79
C VAL B 19 1.28 -19.41 -15.09
N SER B 20 1.20 -20.62 -15.64
CA SER B 20 0.51 -20.81 -16.91
C SER B 20 -0.96 -20.47 -16.82
N ALA B 21 -1.59 -20.71 -15.66
CA ALA B 21 -2.98 -20.35 -15.49
C ALA B 21 -3.15 -18.82 -15.46
N LEU B 22 -2.19 -18.11 -14.87
CA LEU B 22 -2.27 -16.66 -14.84
C LEU B 22 -1.96 -16.06 -16.22
N LEU B 23 -0.94 -16.59 -16.89
CA LEU B 23 -0.60 -16.09 -18.22
C LEU B 23 -1.74 -16.32 -19.21
N ASP B 24 -2.43 -17.45 -19.10
CA ASP B 24 -3.51 -17.76 -20.03
C ASP B 24 -4.73 -16.89 -19.78
N ALA B 25 -4.91 -16.41 -18.56
CA ALA B 25 -6.06 -15.61 -18.19
C ALA B 25 -5.88 -14.12 -18.47
N GLU B 26 -4.76 -13.73 -19.07
CA GLU B 26 -4.49 -12.32 -19.28
C GLU B 26 -5.53 -11.69 -20.19
N PRO B 27 -6.08 -10.53 -19.85
CA PRO B 27 -6.98 -9.83 -20.76
C PRO B 27 -6.21 -9.23 -21.92
N PRO B 28 -6.88 -8.95 -23.03
CA PRO B 28 -6.19 -8.37 -24.19
C PRO B 28 -5.90 -6.88 -23.98
N ILE B 29 -5.08 -6.35 -24.87
CA ILE B 29 -4.74 -4.93 -24.88
C ILE B 29 -5.76 -4.24 -25.78
N LEU B 30 -6.66 -3.47 -25.17
CA LEU B 30 -7.72 -2.82 -25.92
C LEU B 30 -7.22 -1.50 -26.52
N TYR B 31 -7.93 -1.06 -27.55
CA TYR B 31 -7.67 0.22 -28.20
C TYR B 31 -8.67 1.27 -27.71
N SER B 32 -8.29 2.53 -27.87
CA SER B 32 -9.19 3.63 -27.58
C SER B 32 -9.92 4.05 -28.85
N GLU B 33 -10.93 4.92 -28.67
CA GLU B 33 -11.70 5.40 -29.81
C GLU B 33 -10.82 6.23 -30.74
N TYR B 34 -10.80 5.85 -32.01
CA TYR B 34 -9.97 6.55 -32.99
C TYR B 34 -10.50 7.96 -33.27
N PRO B 39 -5.76 18.04 -31.00
CA PRO B 39 -5.28 17.74 -29.65
C PRO B 39 -6.39 17.68 -28.61
N PHE B 40 -6.03 17.29 -27.39
CA PHE B 40 -7.01 16.92 -26.38
C PHE B 40 -7.42 18.12 -25.54
N SER B 41 -8.53 17.93 -24.82
CA SER B 41 -9.05 18.90 -23.86
C SER B 41 -9.43 18.15 -22.59
N GLU B 42 -9.99 18.87 -21.63
CA GLU B 42 -10.27 18.27 -20.32
C GLU B 42 -11.36 17.21 -20.43
N ALA B 43 -12.40 17.47 -21.20
CA ALA B 43 -13.52 16.55 -21.35
C ALA B 43 -13.27 15.48 -22.39
N SER B 44 -12.41 15.73 -23.38
CA SER B 44 -12.16 14.74 -24.42
C SER B 44 -11.23 13.63 -23.91
N MET B 45 -10.15 14.01 -23.22
CA MET B 45 -9.24 13.00 -22.69
C MET B 45 -9.89 12.17 -21.60
N MET B 46 -10.68 12.82 -20.73
CA MET B 46 -11.43 12.07 -19.73
C MET B 46 -12.47 11.16 -20.37
N GLY B 47 -13.01 11.57 -21.53
CA GLY B 47 -13.95 10.71 -22.24
C GLY B 47 -13.27 9.48 -22.82
N LEU B 48 -12.07 9.65 -23.39
CA LEU B 48 -11.34 8.50 -23.91
C LEU B 48 -10.90 7.56 -22.80
N LEU B 49 -10.40 8.12 -21.69
CA LEU B 49 -9.95 7.29 -20.58
C LEU B 49 -11.11 6.57 -19.91
N THR B 50 -12.25 7.25 -19.76
CA THR B 50 -13.42 6.61 -19.17
C THR B 50 -13.94 5.49 -20.05
N ASN B 51 -14.06 5.76 -21.36
CA ASN B 51 -14.52 4.73 -22.29
C ASN B 51 -13.58 3.54 -22.31
N LEU B 52 -12.27 3.80 -22.26
CA LEU B 52 -11.30 2.71 -22.23
C LEU B 52 -11.40 1.91 -20.94
N ALA B 53 -11.46 2.60 -19.80
CA ALA B 53 -11.56 1.90 -18.52
C ALA B 53 -12.86 1.14 -18.39
N ASP B 54 -13.95 1.66 -18.96
CA ASP B 54 -15.24 0.97 -18.87
C ASP B 54 -15.21 -0.35 -19.62
N ARG B 55 -14.56 -0.38 -20.79
CA ARG B 55 -14.46 -1.62 -21.54
C ARG B 55 -13.45 -2.57 -20.92
N GLU B 56 -12.41 -2.04 -20.25
CA GLU B 56 -11.44 -2.90 -19.58
C GLU B 56 -12.04 -3.57 -18.35
N LEU B 57 -13.05 -2.97 -17.74
CA LEU B 57 -13.68 -3.58 -16.57
C LEU B 57 -14.32 -4.92 -16.92
N VAL B 58 -14.91 -5.01 -18.11
CA VAL B 58 -15.57 -6.26 -18.51
C VAL B 58 -14.55 -7.38 -18.63
N HIS B 59 -13.37 -7.09 -19.21
CA HIS B 59 -12.34 -8.10 -19.31
C HIS B 59 -11.71 -8.41 -17.96
N MET B 60 -11.61 -7.41 -17.08
CA MET B 60 -11.05 -7.65 -15.75
C MET B 60 -11.94 -8.58 -14.94
N ILE B 61 -13.26 -8.40 -15.04
CA ILE B 61 -14.19 -9.25 -14.29
C ILE B 61 -14.05 -10.71 -14.74
N ASN B 62 -13.94 -10.95 -16.05
CA ASN B 62 -13.75 -12.30 -16.53
C ASN B 62 -12.34 -12.80 -16.23
N TRP B 63 -11.35 -11.91 -16.19
CA TRP B 63 -10.02 -12.31 -15.77
C TRP B 63 -10.00 -12.72 -14.31
N ALA B 64 -10.80 -12.04 -13.48
CA ALA B 64 -10.83 -12.36 -12.06
C ALA B 64 -11.37 -13.77 -11.82
N LYS B 65 -12.38 -14.17 -12.60
CA LYS B 65 -12.93 -15.52 -12.45
C LYS B 65 -11.89 -16.59 -12.74
N ARG B 66 -10.92 -16.29 -13.61
CA ARG B 66 -9.91 -17.25 -13.99
C ARG B 66 -8.69 -17.23 -13.07
N VAL B 67 -8.65 -16.33 -12.10
CA VAL B 67 -7.59 -16.33 -11.10
C VAL B 67 -7.83 -17.52 -10.17
N PRO B 68 -6.87 -18.42 -10.01
CA PRO B 68 -7.10 -19.62 -9.18
C PRO B 68 -7.46 -19.26 -7.76
N GLY B 69 -8.61 -19.75 -7.31
CA GLY B 69 -9.10 -19.53 -5.96
C GLY B 69 -10.16 -18.44 -5.85
N PHE B 70 -10.30 -17.60 -6.88
CA PHE B 70 -11.26 -16.51 -6.81
C PHE B 70 -12.69 -17.03 -6.92
N VAL B 71 -12.93 -18.03 -7.77
CA VAL B 71 -14.27 -18.60 -7.90
C VAL B 71 -14.71 -19.25 -6.59
N ASP B 72 -13.77 -19.84 -5.85
CA ASP B 72 -14.09 -20.51 -4.60
C ASP B 72 -14.65 -19.56 -3.54
N LEU B 73 -14.50 -18.24 -3.73
CA LEU B 73 -15.07 -17.27 -2.81
C LEU B 73 -16.56 -17.10 -3.08
N THR B 74 -17.28 -16.64 -2.06
CA THR B 74 -18.69 -16.31 -2.23
C THR B 74 -18.83 -15.11 -3.17
N LEU B 75 -20.03 -14.98 -3.74
CA LEU B 75 -20.30 -13.88 -4.66
C LEU B 75 -20.11 -12.54 -3.98
N HIS B 76 -20.45 -12.44 -2.70
CA HIS B 76 -20.29 -11.17 -1.98
C HIS B 76 -18.82 -10.83 -1.78
N ASP B 77 -17.99 -11.84 -1.49
CA ASP B 77 -16.56 -11.59 -1.33
C ASP B 77 -15.90 -11.28 -2.66
N GLN B 78 -16.38 -11.86 -3.75
CA GLN B 78 -15.83 -11.53 -5.06
C GLN B 78 -16.10 -10.08 -5.42
N VAL B 79 -17.32 -9.60 -5.14
CA VAL B 79 -17.69 -8.23 -5.44
C VAL B 79 -16.84 -7.26 -4.62
N HIS B 80 -16.62 -7.59 -3.34
CA HIS B 80 -15.86 -6.68 -2.48
C HIS B 80 -14.42 -6.55 -2.94
N LEU B 81 -13.80 -7.66 -3.35
CA LEU B 81 -12.40 -7.60 -3.78
C LEU B 81 -12.26 -6.82 -5.08
N LEU B 82 -13.17 -7.01 -6.03
CA LEU B 82 -13.11 -6.26 -7.28
C LEU B 82 -13.42 -4.79 -7.06
N GLU B 83 -14.38 -4.48 -6.19
CA GLU B 83 -14.71 -3.09 -5.92
C GLU B 83 -13.56 -2.33 -5.28
N CYS B 84 -12.72 -3.03 -4.50
CA CYS B 84 -11.62 -2.36 -3.82
C CYS B 84 -10.40 -2.15 -4.73
N ALA B 85 -10.15 -3.07 -5.64
CA ALA B 85 -8.87 -3.15 -6.34
C ALA B 85 -8.97 -2.85 -7.84
N TRP B 86 -10.14 -2.48 -8.34
CA TRP B 86 -10.31 -2.34 -9.78
C TRP B 86 -9.42 -1.25 -10.37
N LEU B 87 -9.27 -0.13 -9.65
CA LEU B 87 -8.39 0.92 -10.14
C LEU B 87 -6.92 0.53 -10.00
N GLU B 88 -6.58 -0.16 -8.91
CA GLU B 88 -5.23 -0.68 -8.75
C GLU B 88 -4.85 -1.61 -9.90
N ILE B 89 -5.77 -2.50 -10.29
CA ILE B 89 -5.48 -3.44 -11.36
C ILE B 89 -5.35 -2.71 -12.69
N LEU B 90 -6.14 -1.66 -12.90
CA LEU B 90 -6.00 -0.88 -14.13
C LEU B 90 -4.65 -0.17 -14.18
N MET B 91 -4.16 0.29 -13.03
CA MET B 91 -2.92 1.05 -12.99
C MET B 91 -1.70 0.17 -13.21
N ILE B 92 -1.64 -0.99 -12.53
CA ILE B 92 -0.48 -1.87 -12.71
C ILE B 92 -0.46 -2.43 -14.12
N GLY B 93 -1.62 -2.55 -14.77
CA GLY B 93 -1.64 -2.92 -16.17
C GLY B 93 -1.13 -1.81 -17.07
N LEU B 94 -1.56 -0.58 -16.80
CA LEU B 94 -1.04 0.58 -17.54
C LEU B 94 0.46 0.74 -17.31
N VAL B 95 0.91 0.58 -16.06
CA VAL B 95 2.32 0.69 -15.74
C VAL B 95 3.11 -0.42 -16.45
N TRP B 96 2.53 -1.62 -16.52
CA TRP B 96 3.21 -2.73 -17.20
C TRP B 96 3.31 -2.48 -18.70
N ARG B 97 2.25 -1.96 -19.31
CA ARG B 97 2.29 -1.66 -20.74
C ARG B 97 3.28 -0.55 -21.05
N SER B 98 3.46 0.41 -20.14
CA SER B 98 4.31 1.57 -20.36
C SER B 98 5.78 1.29 -20.01
N MET B 99 6.14 0.05 -19.72
CA MET B 99 7.51 -0.25 -19.32
C MET B 99 8.49 0.07 -20.43
N GLU B 100 8.21 -0.40 -21.65
CA GLU B 100 9.10 -0.19 -22.78
C GLU B 100 8.90 1.18 -23.45
N HIS B 101 8.27 2.12 -22.76
CA HIS B 101 8.09 3.49 -23.26
C HIS B 101 8.44 4.46 -22.14
N PRO B 102 9.72 4.71 -21.91
CA PRO B 102 10.12 5.62 -20.82
C PRO B 102 9.59 7.02 -21.06
N GLY B 103 9.03 7.62 -20.01
CA GLY B 103 8.48 8.95 -20.08
C GLY B 103 7.09 9.05 -20.67
N LYS B 104 6.48 7.93 -21.05
CA LYS B 104 5.15 7.93 -21.65
C LYS B 104 4.30 6.84 -21.01
N LEU B 105 2.99 7.07 -21.02
CA LEU B 105 2.01 6.10 -20.53
C LEU B 105 1.22 5.57 -21.72
N LEU B 106 1.26 4.25 -21.90
CA LEU B 106 0.57 3.59 -23.02
C LEU B 106 -0.78 3.10 -22.51
N PHE B 107 -1.79 3.97 -22.61
CA PHE B 107 -3.14 3.56 -22.26
C PHE B 107 -3.68 2.54 -23.27
N ALA B 108 -3.37 2.75 -24.55
CA ALA B 108 -3.74 1.86 -25.63
C ALA B 108 -2.62 1.89 -26.65
N PRO B 109 -2.55 0.89 -27.54
CA PRO B 109 -1.52 0.95 -28.60
C PRO B 109 -1.63 2.19 -29.48
N ASN B 110 -2.79 2.84 -29.53
CA ASN B 110 -2.97 4.07 -30.28
C ASN B 110 -3.23 5.27 -29.38
N LEU B 111 -2.87 5.17 -28.08
CA LEU B 111 -3.06 6.25 -27.12
C LEU B 111 -1.86 6.25 -26.19
N LEU B 112 -0.77 6.87 -26.65
CA LEU B 112 0.49 6.96 -25.91
C LEU B 112 0.69 8.40 -25.49
N LEU B 113 0.49 8.68 -24.20
CA LEU B 113 0.51 10.04 -23.68
C LEU B 113 1.77 10.28 -22.84
N ASP B 114 2.18 11.54 -22.79
CA ASP B 114 3.33 11.97 -22.01
C ASP B 114 2.87 12.93 -20.91
N ARG B 115 3.85 13.56 -20.24
CA ARG B 115 3.54 14.44 -19.11
C ARG B 115 2.66 15.60 -19.53
N ASN B 116 2.98 16.26 -20.65
CA ASN B 116 2.25 17.46 -21.05
C ASN B 116 0.79 17.14 -21.34
N GLN B 117 0.49 15.93 -21.81
CA GLN B 117 -0.90 15.56 -22.04
C GLN B 117 -1.66 15.45 -20.73
N GLY B 118 -0.98 15.12 -19.63
CA GLY B 118 -1.65 15.02 -18.35
C GLY B 118 -2.15 16.34 -17.81
N LYS B 119 -1.59 17.46 -18.28
CA LYS B 119 -2.04 18.78 -17.85
C LYS B 119 -3.35 19.21 -18.49
N CYS B 120 -3.91 18.40 -19.38
CA CYS B 120 -5.18 18.76 -20.02
C CYS B 120 -6.32 18.80 -19.02
N VAL B 121 -6.23 18.03 -17.94
CA VAL B 121 -7.22 18.05 -16.88
C VAL B 121 -6.53 18.39 -15.56
N GLU B 122 -7.05 19.40 -14.87
CA GLU B 122 -6.43 19.92 -13.65
C GLU B 122 -6.39 18.89 -12.54
N GLY B 123 -5.21 18.38 -12.22
CA GLY B 123 -5.02 17.47 -11.10
C GLY B 123 -4.53 16.08 -11.47
N MET B 124 -4.34 15.77 -12.75
CA MET B 124 -3.87 14.45 -13.16
C MET B 124 -2.36 14.39 -13.36
N VAL B 125 -1.67 15.54 -13.35
CA VAL B 125 -0.23 15.55 -13.52
C VAL B 125 0.44 14.82 -12.35
N GLU B 126 -0.10 14.99 -11.14
CA GLU B 126 0.48 14.33 -9.97
C GLU B 126 0.39 12.82 -10.08
N ILE B 127 -0.75 12.31 -10.53
CA ILE B 127 -0.90 10.86 -10.70
C ILE B 127 -0.09 10.39 -11.90
N PHE B 128 0.03 11.23 -12.93
N PHE B 128 0.03 11.22 -12.94
CA PHE B 128 0.78 10.85 -14.12
CA PHE B 128 0.78 10.84 -14.11
C PHE B 128 2.25 10.64 -13.78
C PHE B 128 2.26 10.64 -13.78
N ASP B 129 2.82 11.52 -12.95
CA ASP B 129 4.23 11.38 -12.58
C ASP B 129 4.46 10.14 -11.72
N MET B 130 3.50 9.82 -10.84
CA MET B 130 3.65 8.62 -10.02
C MET B 130 3.54 7.36 -10.87
N LEU B 131 2.65 7.37 -11.88
CA LEU B 131 2.54 6.23 -12.77
C LEU B 131 3.82 6.05 -13.59
N LEU B 132 4.40 7.16 -14.06
CA LEU B 132 5.66 7.07 -14.80
C LEU B 132 6.79 6.57 -13.92
N ALA B 133 6.85 7.04 -12.67
CA ALA B 133 7.90 6.58 -11.76
C ALA B 133 7.75 5.09 -11.46
N THR B 134 6.51 4.61 -11.36
CA THR B 134 6.29 3.18 -11.17
C THR B 134 6.72 2.39 -12.40
N SER B 135 6.45 2.93 -13.59
CA SER B 135 6.86 2.24 -14.82
C SER B 135 8.39 2.17 -14.93
N SER B 136 9.08 3.29 -14.65
CA SER B 136 10.53 3.26 -14.64
C SER B 136 11.06 2.34 -13.54
N ARG B 137 10.31 2.22 -12.44
CA ARG B 137 10.72 1.30 -11.37
C ARG B 137 10.66 -0.15 -11.84
N PHE B 138 9.56 -0.52 -12.50
CA PHE B 138 9.49 -1.85 -13.11
C PHE B 138 10.54 -2.01 -14.20
N ARG B 139 10.78 -0.95 -14.97
CA ARG B 139 11.75 -1.02 -16.06
C ARG B 139 13.16 -1.24 -15.54
N MET B 140 13.52 -0.56 -14.45
CA MET B 140 14.85 -0.75 -13.87
C MET B 140 14.99 -2.10 -13.19
N MET B 141 13.87 -2.70 -12.75
CA MET B 141 13.91 -4.02 -12.13
C MET B 141 13.91 -5.15 -13.14
N ASN B 142 13.72 -4.86 -14.42
CA ASN B 142 13.55 -5.89 -15.45
C ASN B 142 12.41 -6.84 -15.07
N LEU B 143 11.26 -6.25 -14.76
CA LEU B 143 10.10 -7.03 -14.34
C LEU B 143 9.64 -7.95 -15.47
N GLN B 144 9.46 -9.22 -15.15
CA GLN B 144 9.04 -10.22 -16.12
C GLN B 144 7.52 -10.35 -16.13
N GLY B 145 7.00 -10.87 -17.24
CA GLY B 145 5.56 -11.06 -17.36
C GLY B 145 5.01 -12.03 -16.34
N GLU B 146 5.77 -13.08 -16.04
CA GLU B 146 5.34 -14.04 -15.03
C GLU B 146 5.26 -13.40 -13.65
N GLU B 147 6.12 -12.42 -13.38
CA GLU B 147 6.06 -11.69 -12.11
C GLU B 147 4.91 -10.69 -12.11
N PHE B 148 4.63 -10.06 -13.26
CA PHE B 148 3.55 -9.08 -13.33
C PHE B 148 2.19 -9.72 -13.07
N VAL B 149 1.94 -10.88 -13.67
CA VAL B 149 0.65 -11.53 -13.48
C VAL B 149 0.51 -12.03 -12.04
N CYS B 150 1.62 -12.31 -11.37
CA CYS B 150 1.54 -12.67 -9.95
C CYS B 150 1.22 -11.46 -9.09
N LEU B 151 1.86 -10.32 -9.38
CA LEU B 151 1.61 -9.11 -8.60
C LEU B 151 0.17 -8.62 -8.80
N LYS B 152 -0.36 -8.76 -10.01
CA LYS B 152 -1.72 -8.27 -10.27
C LYS B 152 -2.76 -9.11 -9.56
N SER B 153 -2.55 -10.44 -9.50
CA SER B 153 -3.48 -11.29 -8.77
C SER B 153 -3.38 -11.07 -7.27
N ILE B 154 -2.19 -10.72 -6.76
CA ILE B 154 -2.05 -10.41 -5.35
C ILE B 154 -2.87 -9.18 -5.00
N ILE B 155 -2.85 -8.16 -5.87
CA ILE B 155 -3.66 -6.96 -5.64
C ILE B 155 -5.13 -7.32 -5.55
N LEU B 156 -5.60 -8.21 -6.42
CA LEU B 156 -7.01 -8.58 -6.43
C LEU B 156 -7.43 -9.21 -5.10
N LEU B 157 -6.58 -10.08 -4.55
CA LEU B 157 -6.93 -10.82 -3.34
C LEU B 157 -6.59 -10.06 -2.06
N ASN B 158 -5.55 -9.23 -2.07
CA ASN B 158 -5.08 -8.60 -0.85
C ASN B 158 -5.74 -7.25 -0.56
N SER B 159 -6.09 -6.50 -1.59
CA SER B 159 -6.49 -5.09 -1.39
C SER B 159 -7.76 -4.96 -0.54
N GLY B 160 -8.60 -5.97 -0.48
CA GLY B 160 -9.80 -5.89 0.33
C GLY B 160 -9.97 -7.02 1.33
N VAL B 161 -8.86 -7.66 1.71
CA VAL B 161 -8.96 -8.84 2.56
C VAL B 161 -9.25 -8.45 4.00
N TYR B 162 -8.89 -7.23 4.41
CA TYR B 162 -9.12 -6.78 5.79
C TYR B 162 -10.30 -5.81 5.90
N THR B 163 -11.21 -5.84 4.94
CA THR B 163 -12.38 -4.97 4.98
C THR B 163 -13.64 -5.71 4.55
N LYS B 175 -11.56 -15.53 5.26
CA LYS B 175 -10.31 -14.81 5.08
C LYS B 175 -9.12 -15.76 5.08
N ASP B 176 -9.31 -16.94 5.67
CA ASP B 176 -8.23 -17.92 5.72
C ASP B 176 -7.94 -18.50 4.35
N HIS B 177 -8.96 -18.64 3.50
CA HIS B 177 -8.74 -19.15 2.15
C HIS B 177 -7.96 -18.17 1.30
N ILE B 178 -8.25 -16.87 1.43
CA ILE B 178 -7.56 -15.86 0.63
C ILE B 178 -6.08 -15.82 0.99
N HIS B 179 -5.78 -15.83 2.29
CA HIS B 179 -4.38 -15.82 2.71
C HIS B 179 -3.66 -17.11 2.33
N ARG B 180 -4.39 -18.22 2.28
CA ARG B 180 -3.79 -19.47 1.80
C ARG B 180 -3.45 -19.37 0.32
N VAL B 181 -4.30 -18.72 -0.47
CA VAL B 181 -4.01 -18.51 -1.89
C VAL B 181 -2.89 -17.50 -2.04
N LEU B 182 -2.87 -16.47 -1.19
CA LEU B 182 -1.79 -15.49 -1.24
C LEU B 182 -0.44 -16.12 -0.94
N ASP B 183 -0.41 -17.13 -0.06
CA ASP B 183 0.84 -17.87 0.16
C ASP B 183 1.24 -18.65 -1.07
N LYS B 184 0.26 -19.14 -1.84
CA LYS B 184 0.59 -19.87 -3.06
C LYS B 184 1.23 -18.97 -4.10
N ILE B 185 0.75 -17.73 -4.23
CA ILE B 185 1.35 -16.80 -5.17
C ILE B 185 2.75 -16.40 -4.72
N THR B 186 2.97 -16.33 -3.40
CA THR B 186 4.33 -16.07 -2.90
C THR B 186 5.26 -17.22 -3.23
N ASP B 187 4.80 -18.47 -3.03
CA ASP B 187 5.57 -19.62 -3.48
C ASP B 187 5.79 -19.58 -4.99
N THR B 188 4.83 -19.04 -5.73
CA THR B 188 4.99 -18.91 -7.17
C THR B 188 6.02 -17.85 -7.52
N LEU B 189 6.02 -16.73 -6.79
CA LEU B 189 6.97 -15.66 -7.05
C LEU B 189 8.40 -16.10 -6.76
N ILE B 190 8.61 -16.75 -5.60
CA ILE B 190 9.95 -17.25 -5.27
C ILE B 190 10.40 -18.29 -6.28
N HIS B 191 9.49 -19.16 -6.71
CA HIS B 191 9.83 -20.18 -7.69
C HIS B 191 10.25 -19.55 -9.02
N LEU B 192 9.65 -18.41 -9.37
CA LEU B 192 10.05 -17.73 -10.61
C LEU B 192 11.43 -17.12 -10.48
N MET B 193 11.75 -16.54 -9.33
CA MET B 193 13.06 -15.91 -9.14
C MET B 193 14.16 -16.94 -9.05
N ALA B 194 13.86 -18.16 -8.58
CA ALA B 194 14.87 -19.20 -8.51
C ALA B 194 15.27 -19.69 -9.89
N LYS B 195 14.33 -19.71 -10.84
CA LYS B 195 14.64 -20.12 -12.19
C LYS B 195 15.52 -19.10 -12.91
N ALA B 196 15.37 -17.82 -12.56
CA ALA B 196 16.18 -16.76 -13.18
C ALA B 196 17.62 -16.77 -12.71
N GLY B 197 17.96 -17.58 -11.72
CA GLY B 197 19.32 -17.68 -11.23
C GLY B 197 19.63 -16.82 -10.01
N LEU B 198 18.63 -16.22 -9.38
CA LEU B 198 18.87 -15.40 -8.21
C LEU B 198 19.28 -16.26 -7.02
N THR B 199 20.14 -15.69 -6.17
CA THR B 199 20.55 -16.35 -4.95
C THR B 199 19.45 -16.26 -3.90
N LEU B 200 19.66 -16.98 -2.78
CA LEU B 200 18.70 -16.94 -1.70
C LEU B 200 18.51 -15.52 -1.18
N GLN B 201 19.61 -14.77 -1.04
CA GLN B 201 19.51 -13.39 -0.59
C GLN B 201 18.82 -12.52 -1.63
N GLN B 202 19.12 -12.74 -2.92
CA GLN B 202 18.49 -11.98 -3.98
C GLN B 202 17.01 -12.32 -4.13
N GLN B 203 16.59 -13.51 -3.67
CA GLN B 203 15.19 -13.91 -3.85
C GLN B 203 14.27 -13.13 -2.91
N HIS B 204 14.60 -13.08 -1.62
CA HIS B 204 13.76 -12.34 -0.69
C HIS B 204 13.91 -10.83 -0.82
N GLN B 205 15.05 -10.35 -1.34
CA GLN B 205 15.19 -8.92 -1.59
C GLN B 205 14.29 -8.47 -2.73
N ARG B 206 14.29 -9.21 -3.84
CA ARG B 206 13.43 -8.88 -4.97
C ARG B 206 11.96 -9.06 -4.61
N LEU B 207 11.64 -10.09 -3.83
CA LEU B 207 10.27 -10.27 -3.36
C LEU B 207 9.81 -9.08 -2.54
N ALA B 208 10.68 -8.59 -1.63
CA ALA B 208 10.33 -7.43 -0.83
C ALA B 208 10.22 -6.17 -1.69
N GLN B 209 11.10 -6.04 -2.69
CA GLN B 209 11.06 -4.88 -3.56
C GLN B 209 9.76 -4.82 -4.36
N LEU B 210 9.31 -5.96 -4.88
CA LEU B 210 8.11 -5.97 -5.72
C LEU B 210 6.86 -5.66 -4.89
N LEU B 211 6.78 -6.20 -3.68
CA LEU B 211 5.58 -6.02 -2.87
C LEU B 211 5.49 -4.63 -2.26
N LEU B 212 6.63 -3.96 -2.05
CA LEU B 212 6.59 -2.59 -1.56
C LEU B 212 6.05 -1.63 -2.62
N ILE B 213 6.20 -1.97 -3.89
CA ILE B 213 5.63 -1.15 -4.96
C ILE B 213 4.10 -1.20 -4.91
N LEU B 214 3.55 -2.32 -4.44
CA LEU B 214 2.10 -2.41 -4.27
C LEU B 214 1.57 -1.35 -3.31
N SER B 215 2.39 -0.95 -2.34
CA SER B 215 1.99 0.12 -1.43
C SER B 215 1.84 1.45 -2.17
N HIS B 216 2.72 1.70 -3.16
CA HIS B 216 2.59 2.91 -3.95
C HIS B 216 1.45 2.81 -4.95
N ILE B 217 1.20 1.61 -5.48
CA ILE B 217 0.06 1.42 -6.36
C ILE B 217 -1.24 1.68 -5.61
N ARG B 218 -1.31 1.22 -4.36
CA ARG B 218 -2.45 1.55 -3.51
C ARG B 218 -2.57 3.06 -3.31
N HIS B 219 -1.44 3.73 -3.09
CA HIS B 219 -1.45 5.18 -2.91
C HIS B 219 -1.95 5.89 -4.16
N MET B 220 -1.47 5.47 -5.33
CA MET B 220 -1.92 6.08 -6.58
C MET B 220 -3.41 5.87 -6.79
N SER B 221 -3.92 4.69 -6.44
CA SER B 221 -5.35 4.42 -6.59
C SER B 221 -6.18 5.28 -5.64
N ASN B 222 -5.72 5.44 -4.40
CA ASN B 222 -6.46 6.27 -3.45
C ASN B 222 -6.51 7.72 -3.91
N LYS B 223 -5.38 8.26 -4.36
CA LYS B 223 -5.37 9.64 -4.85
C LYS B 223 -6.17 9.78 -6.13
N GLY B 224 -6.06 8.79 -7.02
CA GLY B 224 -6.83 8.83 -8.26
C GLY B 224 -8.33 8.68 -8.03
N MET B 225 -8.71 7.73 -7.17
CA MET B 225 -10.12 7.58 -6.83
C MET B 225 -10.69 8.85 -6.20
N GLU B 226 -9.87 9.56 -5.44
CA GLU B 226 -10.32 10.79 -4.78
C GLU B 226 -10.82 11.81 -5.80
N HIS B 227 -10.12 11.96 -6.91
CA HIS B 227 -10.56 12.87 -7.95
C HIS B 227 -11.68 12.27 -8.80
N LEU B 228 -11.77 10.95 -8.86
CA LEU B 228 -12.73 10.32 -9.76
C LEU B 228 -14.17 10.48 -9.28
N TYR B 229 -14.40 10.31 -7.98
CA TYR B 229 -15.73 10.59 -7.44
C TYR B 229 -15.91 12.05 -7.06
N SER B 230 -14.98 12.92 -7.47
CA SER B 230 -15.23 14.35 -7.56
C SER B 230 -15.36 14.82 -9.00
N MET B 231 -14.90 14.02 -9.97
CA MET B 231 -15.04 14.33 -11.38
C MET B 231 -16.43 14.01 -11.91
N LYS B 232 -17.17 13.13 -11.24
CA LYS B 232 -18.49 12.70 -11.70
C LYS B 232 -19.47 13.88 -11.73
N SER B 240 -21.85 5.71 -17.56
CA SER B 240 -21.59 4.30 -17.30
C SER B 240 -22.05 3.91 -15.91
N ASP B 241 -23.00 2.96 -15.84
CA ASP B 241 -23.56 2.56 -14.56
C ASP B 241 -22.63 1.63 -13.79
N LEU B 242 -21.94 0.72 -14.50
CA LEU B 242 -20.99 -0.16 -13.83
C LEU B 242 -19.83 0.65 -13.26
N LEU B 243 -19.29 1.57 -14.05
CA LEU B 243 -18.20 2.41 -13.57
C LEU B 243 -18.64 3.36 -12.46
N LEU B 244 -19.93 3.68 -12.38
CA LEU B 244 -20.42 4.47 -11.27
C LEU B 244 -20.60 3.62 -10.01
N GLU B 245 -21.06 2.38 -10.17
CA GLU B 245 -21.19 1.50 -9.02
C GLU B 245 -19.82 1.10 -8.48
N MET B 246 -18.84 0.92 -9.36
CA MET B 246 -17.46 0.72 -8.91
C MET B 246 -16.93 1.96 -8.20
N LEU B 247 -17.36 3.15 -8.64
CA LEU B 247 -16.86 4.39 -8.06
C LEU B 247 -17.54 4.70 -6.73
N ASP B 248 -18.84 4.44 -6.63
CA ASP B 248 -19.57 4.72 -5.39
C ASP B 248 -19.12 3.82 -4.25
N ALA B 249 -18.55 2.65 -4.55
CA ALA B 249 -18.11 1.73 -3.52
C ALA B 249 -16.96 2.28 -2.67
N HIS B 250 -16.33 3.37 -3.08
CA HIS B 250 -15.25 3.99 -2.33
C HIS B 250 -15.67 5.25 -1.60
N ARG B 251 -16.96 5.58 -1.63
CA ARG B 251 -17.47 6.77 -0.94
C ARG B 251 -17.88 6.44 0.49
N LYS C 3 9.12 25.94 7.48
CA LYS C 3 8.59 24.62 7.81
C LYS C 3 9.08 24.16 9.17
N ILE C 4 8.14 23.85 10.07
CA ILE C 4 8.51 23.40 11.42
C ILE C 4 9.20 22.05 11.36
N LEU C 5 8.76 21.18 10.44
CA LEU C 5 9.40 19.88 10.30
C LEU C 5 10.86 20.02 9.90
N HIS C 6 11.18 21.01 9.06
CA HIS C 6 12.57 21.23 8.67
C HIS C 6 13.40 21.75 9.83
N ARG C 7 12.80 22.58 10.70
CA ARG C 7 13.52 23.12 11.83
C ARG C 7 13.78 22.04 12.88
N LEU C 8 12.75 21.25 13.20
CA LEU C 8 12.93 20.20 14.19
C LEU C 8 13.92 19.13 13.72
N LEU C 9 13.97 18.87 12.41
CA LEU C 9 14.95 17.95 11.87
C LEU C 9 16.37 18.54 11.90
N GLN C 10 16.49 19.85 12.05
CA GLN C 10 17.79 20.50 12.09
C GLN C 10 18.20 20.80 13.53
N LYS D 3 -26.85 -4.58 -8.23
CA LYS D 3 -25.48 -4.27 -8.62
C LYS D 3 -25.12 -4.96 -9.93
N ILE D 4 -24.60 -4.18 -10.88
CA ILE D 4 -24.20 -4.74 -12.17
C ILE D 4 -23.05 -5.73 -11.99
N LEU D 5 -22.18 -5.48 -11.01
CA LEU D 5 -21.07 -6.39 -10.75
C LEU D 5 -21.56 -7.78 -10.37
N HIS D 6 -22.73 -7.87 -9.72
CA HIS D 6 -23.32 -9.17 -9.42
C HIS D 6 -23.70 -9.90 -10.70
N ARG D 7 -24.24 -9.19 -11.68
CA ARG D 7 -24.69 -9.83 -12.91
C ARG D 7 -23.51 -10.33 -13.73
N LEU D 8 -22.47 -9.52 -13.87
CA LEU D 8 -21.33 -9.89 -14.70
C LEU D 8 -20.47 -10.98 -14.05
N LEU D 9 -20.57 -11.15 -12.74
CA LEU D 9 -19.81 -12.21 -12.06
C LEU D 9 -20.49 -13.58 -12.14
N GLN D 10 -21.71 -13.65 -12.66
CA GLN D 10 -22.41 -14.91 -12.81
C GLN D 10 -22.58 -15.35 -14.27
N ASP D 11 -22.24 -14.50 -15.23
CA ASP D 11 -22.39 -14.84 -16.64
C ASP D 11 -21.02 -15.03 -17.30
C01 7M4 E . -5.96 9.59 14.58
C02 7M4 E . -7.39 9.08 14.68
C03 7M4 E . -8.01 8.38 13.45
C04 7M4 E . -7.23 7.04 13.51
C05 7M4 E . -5.23 8.49 14.89
C06 7M4 E . -6.16 7.26 14.65
C07 7M4 E . -5.66 10.89 14.41
C08 7M4 E . -4.12 8.33 15.65
C09 7M4 E . -6.53 11.85 14.77
C10 7M4 E . -6.27 13.16 14.61
C11 7M4 E . -5.11 13.58 14.08
C12 7M4 E . -4.22 12.63 13.72
C13 7M4 E . -4.50 11.31 13.88
C14 7M4 E . -3.65 9.24 16.53
C15 7M4 E . -2.55 9.01 17.26
C16 7M4 E . -1.85 7.87 17.14
C17 7M4 E . -2.30 6.96 16.27
C18 7M4 E . -3.41 7.19 15.54
O01 7M4 E . -0.72 7.63 17.87
C19 7M4 E . -4.90 14.90 13.95
O05 7M4 E . -7.14 7.93 15.46
S01 7M4 E . -7.95 9.20 11.77
O06 7M4 E . -7.62 10.56 12.16
O07 7M4 E . -9.56 8.88 11.47
O04 7M4 E . -6.98 8.35 11.10
C01 7M4 F . -7.51 6.54 -15.16
C02 7M4 F . -6.77 7.85 -15.38
C03 7M4 F . -5.87 8.42 -14.26
C04 7M4 F . -4.72 7.39 -14.30
C05 7M4 F . -6.57 5.62 -15.48
C06 7M4 F . -5.20 6.33 -15.37
C07 7M4 F . -8.87 6.50 -15.17
C08 7M4 F . -6.62 4.48 -16.23
C09 7M4 F . -9.58 7.50 -15.73
C10 7M4 F . -10.93 7.48 -15.75
C11 7M4 F . -11.63 6.46 -15.23
C12 7M4 F . -10.92 5.46 -14.68
C13 7M4 F . -9.58 5.47 -14.65
C14 7M4 F . -7.56 4.17 -17.14
C15 7M4 F . -7.50 3.02 -17.84
C16 7M4 F . -6.51 2.14 -17.67
C17 7M4 F . -5.56 2.44 -16.76
C18 7M4 F . -5.61 3.58 -16.07
O01 7M4 F . -6.44 0.97 -18.37
C19 7M4 F . -12.98 6.51 -15.29
C25 7M4 F . -7.80 11.00 -12.76
C26 7M4 F . -7.15 11.51 -11.68
C27 7M4 F . -7.17 12.82 -11.39
C28 7M4 F . -7.86 13.66 -12.17
C29 7M4 F . -8.52 13.19 -13.23
C30 7M4 F . -8.49 11.88 -13.51
BR1 7M4 F . -7.89 15.51 -11.76
O05 7M4 F . -5.74 7.37 -16.20
S01 7M4 F . -6.52 8.71 -12.52
O06 7M4 F . -6.85 7.33 -12.17
O07 7M4 F . -5.32 9.33 -11.98
O04 7M4 F . -7.78 9.65 -13.06
#